data_7F18
#
_entry.id   7F18
#
_cell.length_a   69.822
_cell.length_b   119.587
_cell.length_c   190.059
_cell.angle_alpha   90.000
_cell.angle_beta   90.000
_cell.angle_gamma   90.000
#
_symmetry.space_group_name_H-M   'C 2 2 21'
#
_entity_poly.entity_id   1
_entity_poly.type   'polypeptide(L)'
_entity_poly.pdbx_seq_one_letter_code
;ETAAAPYPLAHPPRLADYLPPPPAADSAAAVADLGAVLEAQRLRTPEQVRRVRAHDHPEDNVFPFAGDLLGASFDKERLP
LTRSFFNRAQENLVEVLMPAKKHFARPRPYEVTPKVKPVLPPPEGESYPSGHTMRSYFKASLLSMLVPEHHDAFFARAEE
HAQSRVLAGVHFPSDLEGGQTAAAALVASLLADPAVAADFAAVREELRGALGLPKLQ
;
_entity_poly.pdbx_strand_id   A,B,C
#
# COMPACT_ATOMS: atom_id res chain seq x y z
N ALA A 4 8.40 16.40 -23.15
CA ALA A 4 8.07 16.24 -24.62
C ALA A 4 7.11 17.35 -25.08
N ALA A 5 7.26 17.83 -26.31
CA ALA A 5 6.57 19.05 -26.81
C ALA A 5 5.57 18.68 -27.91
N PRO A 6 4.44 19.43 -28.06
CA PRO A 6 3.46 19.15 -29.11
C PRO A 6 4.00 19.53 -30.49
N TYR A 7 3.49 18.91 -31.55
CA TYR A 7 3.79 19.32 -32.95
C TYR A 7 3.13 20.66 -33.15
N PRO A 8 3.85 21.65 -33.71
CA PRO A 8 3.32 23.00 -33.87
C PRO A 8 2.24 23.04 -34.97
N LEU A 9 1.06 22.49 -34.64
CA LEU A 9 -0.13 22.47 -35.54
C LEU A 9 -0.64 23.90 -35.73
N ALA A 10 -0.69 24.36 -36.98
CA ALA A 10 -1.23 25.67 -37.39
C ALA A 10 -2.68 25.75 -36.93
N HIS A 11 -3.49 24.74 -37.33
CA HIS A 11 -4.95 24.66 -37.04
C HIS A 11 -5.31 23.34 -36.36
N PRO A 12 -5.19 23.17 -35.00
CA PRO A 12 -5.73 22.00 -34.33
C PRO A 12 -7.25 22.06 -34.36
N PRO A 13 -7.95 20.90 -34.26
CA PRO A 13 -9.41 20.85 -34.32
C PRO A 13 -10.09 21.03 -32.95
N ARG A 14 -11.19 21.77 -32.95
CA ARG A 14 -12.03 22.03 -31.76
C ARG A 14 -12.97 20.85 -31.62
N LEU A 15 -12.75 19.97 -30.65
CA LEU A 15 -13.44 18.66 -30.66
C LEU A 15 -14.94 18.92 -30.60
N ALA A 16 -15.34 19.90 -29.79
CA ALA A 16 -16.74 20.35 -29.66
C ALA A 16 -17.45 20.33 -31.02
N ASP A 17 -16.82 20.81 -32.09
CA ASP A 17 -17.44 20.82 -33.44
C ASP A 17 -17.71 19.40 -33.93
N TYR A 18 -16.89 18.42 -33.54
CA TYR A 18 -16.89 17.04 -34.09
C TYR A 18 -17.76 16.09 -33.26
N LEU A 19 -18.23 16.54 -32.09
CA LEU A 19 -18.95 15.70 -31.09
C LEU A 19 -20.37 16.19 -30.88
N PRO A 20 -21.34 15.27 -30.68
CA PRO A 20 -22.63 15.66 -30.12
C PRO A 20 -22.46 15.98 -28.64
N PRO A 21 -23.34 16.81 -28.04
CA PRO A 21 -23.42 16.91 -26.58
C PRO A 21 -23.93 15.62 -25.95
N PRO A 22 -23.43 15.21 -24.75
CA PRO A 22 -23.94 14.05 -24.04
C PRO A 22 -25.46 14.00 -23.87
N PRO A 23 -25.94 12.80 -23.57
CA PRO A 23 -27.35 12.57 -23.36
C PRO A 23 -27.87 13.54 -22.30
N ALA A 24 -29.10 14.00 -22.43
CA ALA A 24 -29.70 14.92 -21.44
C ALA A 24 -30.07 14.16 -20.17
N ALA A 25 -30.28 14.86 -19.05
CA ALA A 25 -30.53 14.22 -17.74
C ALA A 25 -31.62 13.15 -17.78
N ASP A 26 -32.72 13.39 -18.49
CA ASP A 26 -33.84 12.42 -18.56
C ASP A 26 -33.61 11.43 -19.72
N SER A 27 -33.25 11.96 -20.88
CA SER A 27 -32.98 11.31 -22.19
C SER A 27 -32.87 9.78 -22.11
N ALA A 28 -33.99 9.07 -22.24
CA ALA A 28 -33.93 7.59 -22.23
C ALA A 28 -32.47 7.16 -22.43
N ALA A 29 -31.65 7.99 -23.08
CA ALA A 29 -30.19 7.81 -23.32
C ALA A 29 -29.43 7.82 -22.00
N ALA A 30 -29.69 8.85 -21.17
CA ALA A 30 -29.07 9.09 -19.84
C ALA A 30 -29.30 7.88 -18.92
N VAL A 31 -30.49 7.28 -18.95
CA VAL A 31 -30.83 6.18 -18.00
C VAL A 31 -30.12 4.90 -18.45
N ALA A 32 -30.01 4.70 -19.76
CA ALA A 32 -29.28 3.57 -20.37
C ALA A 32 -27.81 3.69 -19.94
N ASP A 33 -27.22 4.87 -20.19
CA ASP A 33 -25.80 5.23 -19.89
C ASP A 33 -25.50 4.88 -18.43
N LEU A 34 -26.22 5.52 -17.51
CA LEU A 34 -26.09 5.28 -16.04
C LEU A 34 -26.38 3.79 -15.75
N GLY A 35 -27.35 3.17 -16.43
CA GLY A 35 -27.79 1.78 -16.18
C GLY A 35 -26.71 0.74 -16.47
N ALA A 36 -25.82 1.06 -17.41
CA ALA A 36 -24.69 0.20 -17.86
C ALA A 36 -23.57 0.28 -16.82
N VAL A 37 -23.30 1.48 -16.32
CA VAL A 37 -22.20 1.74 -15.36
C VAL A 37 -22.48 0.95 -14.07
N LEU A 38 -23.76 0.93 -13.67
CA LEU A 38 -24.24 0.23 -12.45
C LEU A 38 -24.35 -1.27 -12.73
N GLU A 39 -24.63 -1.66 -13.97
CA GLU A 39 -24.67 -3.10 -14.35
C GLU A 39 -23.23 -3.62 -14.36
N ALA A 40 -22.30 -2.80 -14.86
CA ALA A 40 -20.85 -3.07 -14.89
C ALA A 40 -20.30 -3.18 -13.47
N GLN A 41 -20.90 -2.43 -12.53
CA GLN A 41 -20.62 -2.43 -11.07
C GLN A 41 -21.14 -3.72 -10.44
N ARG A 42 -22.38 -4.09 -10.78
CA ARG A 42 -23.07 -5.31 -10.29
C ARG A 42 -22.17 -6.51 -10.60
N LEU A 43 -21.55 -6.52 -11.78
CA LEU A 43 -20.91 -7.71 -12.43
C LEU A 43 -19.37 -7.69 -12.33
N ARG A 44 -18.74 -6.55 -12.01
CA ARG A 44 -17.25 -6.48 -12.00
C ARG A 44 -16.76 -7.34 -10.86
N THR A 45 -15.78 -8.21 -11.14
CA THR A 45 -15.19 -9.17 -10.16
C THR A 45 -14.06 -8.51 -9.41
N PRO A 46 -13.75 -8.97 -8.18
CA PRO A 46 -12.54 -8.56 -7.48
C PRO A 46 -11.19 -8.64 -8.22
N GLU A 47 -10.95 -9.65 -9.07
CA GLU A 47 -9.69 -9.71 -9.84
C GLU A 47 -9.75 -8.60 -10.90
N GLN A 48 -10.95 -8.31 -11.42
CA GLN A 48 -11.17 -7.25 -12.45
C GLN A 48 -10.86 -5.88 -11.86
N VAL A 49 -11.25 -5.62 -10.62
CA VAL A 49 -11.00 -4.32 -9.95
C VAL A 49 -9.50 -4.11 -9.78
N ARG A 50 -8.82 -5.04 -9.12
CA ARG A 50 -7.37 -4.94 -8.81
C ARG A 50 -6.55 -4.80 -10.10
N ARG A 51 -6.96 -5.44 -11.21
CA ARG A 51 -6.33 -5.29 -12.56
C ARG A 51 -6.37 -3.80 -12.95
N VAL A 52 -7.57 -3.21 -12.98
CA VAL A 52 -7.79 -1.84 -13.53
C VAL A 52 -7.15 -0.83 -12.58
N ARG A 53 -6.80 -1.22 -11.35
CA ARG A 53 -6.01 -0.35 -10.44
C ARG A 53 -4.55 -0.78 -10.55
N ALA A 54 -4.09 -1.08 -11.78
CA ALA A 54 -2.70 -1.42 -12.12
C ALA A 54 -1.81 -0.18 -11.94
N HIS A 55 -2.18 0.95 -12.54
CA HIS A 55 -1.47 2.27 -12.52
C HIS A 55 -0.97 2.60 -13.92
N ASP A 56 -1.29 3.80 -14.40
CA ASP A 56 -0.82 4.33 -15.72
C ASP A 56 0.67 4.65 -15.62
N HIS A 57 1.02 5.90 -15.30
CA HIS A 57 2.33 6.52 -15.60
C HIS A 57 2.45 6.54 -17.13
N PRO A 58 1.85 7.55 -17.82
CA PRO A 58 1.95 7.69 -19.28
C PRO A 58 3.36 7.44 -19.85
N GLU A 59 4.37 8.19 -19.38
CA GLU A 59 5.82 8.11 -19.73
C GLU A 59 6.00 7.79 -21.22
N ASP A 60 5.74 6.54 -21.63
CA ASP A 60 5.78 6.08 -23.04
C ASP A 60 4.64 5.09 -23.23
N ASN A 61 3.41 5.53 -22.99
CA ASN A 61 2.23 4.65 -22.76
C ASN A 61 1.94 3.83 -24.02
N VAL A 62 2.56 4.15 -25.17
CA VAL A 62 2.38 3.44 -26.48
C VAL A 62 2.94 2.02 -26.39
N PHE A 63 4.03 1.81 -25.64
CA PHE A 63 4.79 0.53 -25.51
C PHE A 63 3.97 -0.49 -24.70
N PRO A 64 3.64 -0.22 -23.41
CA PRO A 64 2.72 -1.08 -22.65
C PRO A 64 1.32 -1.20 -23.29
N PHE A 65 0.99 -0.30 -24.22
CA PHE A 65 -0.27 -0.36 -25.02
C PHE A 65 -0.18 -1.58 -25.94
N ALA A 66 0.83 -1.62 -26.81
CA ALA A 66 1.22 -2.82 -27.59
C ALA A 66 2.32 -3.54 -26.80
N GLY A 67 3.47 -3.85 -27.41
CA GLY A 67 4.59 -4.46 -26.68
C GLY A 67 4.35 -5.95 -26.45
N ASP A 68 3.13 -6.36 -26.10
CA ASP A 68 2.74 -7.79 -26.19
C ASP A 68 2.08 -8.05 -27.56
N LEU A 69 1.34 -7.10 -28.15
CA LEU A 69 0.71 -7.29 -29.49
C LEU A 69 1.74 -7.23 -30.63
N LEU A 70 2.83 -6.49 -30.40
CA LEU A 70 4.05 -6.55 -31.24
C LEU A 70 5.05 -7.45 -30.51
N GLY A 71 6.30 -7.55 -30.97
CA GLY A 71 7.35 -8.38 -30.35
C GLY A 71 7.92 -7.76 -29.08
N ALA A 72 8.99 -8.35 -28.55
CA ALA A 72 9.99 -7.64 -27.71
C ALA A 72 11.06 -7.06 -28.65
N SER A 73 10.75 -6.95 -29.95
CA SER A 73 11.39 -6.04 -30.94
C SER A 73 10.93 -4.60 -30.69
N PHE A 74 9.73 -4.42 -30.15
CA PHE A 74 9.07 -3.10 -29.86
C PHE A 74 9.73 -2.49 -28.62
N ASP A 75 10.97 -2.00 -28.78
CA ASP A 75 11.85 -1.55 -27.68
C ASP A 75 11.82 -0.01 -27.62
N LYS A 76 11.19 0.51 -26.56
CA LYS A 76 11.26 1.94 -26.15
C LYS A 76 12.69 2.43 -26.34
N GLU A 77 13.65 1.61 -25.93
CA GLU A 77 15.11 1.89 -25.90
C GLU A 77 15.66 1.99 -27.34
N ARG A 78 15.19 1.12 -28.24
CA ARG A 78 15.75 0.95 -29.61
C ARG A 78 14.94 1.76 -30.65
N LEU A 79 13.93 2.52 -30.26
CA LEU A 79 13.02 3.19 -31.22
C LEU A 79 12.91 4.68 -30.90
N PRO A 80 13.96 5.48 -31.16
CA PRO A 80 14.00 6.88 -30.75
C PRO A 80 12.98 7.80 -31.45
N LEU A 81 12.78 7.61 -32.76
CA LEU A 81 11.83 8.39 -33.59
C LEU A 81 10.39 8.07 -33.18
N THR A 82 10.03 6.78 -33.20
CA THR A 82 8.72 6.23 -32.73
C THR A 82 8.45 6.82 -31.35
N ARG A 83 9.29 6.48 -30.39
CA ARG A 83 9.15 6.86 -28.96
C ARG A 83 8.71 8.32 -28.90
N SER A 84 9.51 9.21 -29.53
CA SER A 84 9.35 10.68 -29.57
C SER A 84 7.99 11.07 -30.15
N PHE A 85 7.73 10.69 -31.40
CA PHE A 85 6.44 10.92 -32.09
C PHE A 85 5.28 10.78 -31.09
N PHE A 86 5.12 9.56 -30.59
CA PHE A 86 3.99 9.16 -29.72
C PHE A 86 3.91 10.07 -28.51
N ASN A 87 5.06 10.52 -28.00
CA ASN A 87 5.15 11.36 -26.78
C ASN A 87 4.68 12.77 -27.11
N ARG A 88 5.03 13.23 -28.31
CA ARG A 88 4.73 14.59 -28.79
C ARG A 88 3.25 14.70 -29.17
N ALA A 89 2.75 13.72 -29.94
CA ALA A 89 1.35 13.65 -30.42
C ALA A 89 0.38 13.54 -29.23
N GLN A 90 0.69 12.67 -28.26
CA GLN A 90 0.03 12.57 -26.92
C GLN A 90 -0.21 13.98 -26.36
N GLU A 91 0.83 14.82 -26.31
CA GLU A 91 0.75 16.24 -25.89
C GLU A 91 -0.18 17.03 -26.83
N ASN A 92 -0.04 16.86 -28.15
CA ASN A 92 -0.94 17.48 -29.16
C ASN A 92 -2.40 17.15 -28.85
N LEU A 93 -2.64 15.97 -28.27
CA LEU A 93 -3.97 15.44 -27.85
C LEU A 93 -4.42 16.17 -26.58
N VAL A 94 -3.62 16.16 -25.51
CA VAL A 94 -3.90 16.86 -24.22
C VAL A 94 -4.45 18.28 -24.49
N GLU A 95 -3.91 18.93 -25.54
CA GLU A 95 -4.18 20.35 -25.90
C GLU A 95 -5.59 20.51 -26.51
N VAL A 96 -6.14 19.47 -27.15
CA VAL A 96 -7.52 19.54 -27.73
C VAL A 96 -8.50 18.80 -26.81
N LEU A 97 -8.03 17.99 -25.86
CA LEU A 97 -8.92 17.26 -24.92
C LEU A 97 -9.44 18.23 -23.86
N MET A 98 -8.51 18.86 -23.13
CA MET A 98 -8.79 19.66 -21.89
C MET A 98 -9.84 20.74 -22.15
N PRO A 99 -9.83 21.46 -23.32
CA PRO A 99 -10.85 22.45 -23.63
C PRO A 99 -12.25 21.85 -23.87
N ALA A 100 -12.30 20.81 -24.69
CA ALA A 100 -13.52 20.03 -25.02
C ALA A 100 -14.13 19.50 -23.73
N LYS A 101 -13.28 18.93 -22.87
CA LYS A 101 -13.68 18.29 -21.58
C LYS A 101 -14.49 19.29 -20.78
N LYS A 102 -13.96 20.54 -20.73
CA LYS A 102 -14.39 21.70 -19.90
C LYS A 102 -15.65 22.29 -20.52
N HIS A 103 -15.59 22.64 -21.80
CA HIS A 103 -16.76 23.11 -22.57
C HIS A 103 -18.00 22.24 -22.25
N PHE A 104 -17.91 20.91 -22.23
CA PHE A 104 -19.09 20.01 -22.13
C PHE A 104 -19.49 19.78 -20.66
N ALA A 105 -18.70 20.30 -19.72
CA ALA A 105 -18.72 20.01 -18.25
C ALA A 105 -19.72 18.90 -17.90
N ARG A 106 -19.50 17.66 -18.32
CA ARG A 106 -20.51 16.62 -18.00
C ARG A 106 -20.27 16.10 -16.59
N PRO A 107 -21.33 16.03 -15.76
CA PRO A 107 -21.31 15.25 -14.53
C PRO A 107 -20.79 13.82 -14.75
N ARG A 108 -19.97 13.32 -13.82
CA ARG A 108 -19.50 11.92 -13.74
C ARG A 108 -20.65 11.02 -13.29
N PRO A 109 -20.56 9.70 -13.54
CA PRO A 109 -21.56 8.75 -13.05
C PRO A 109 -21.84 8.87 -11.54
N TYR A 110 -20.80 8.97 -10.71
CA TYR A 110 -20.90 9.01 -9.22
C TYR A 110 -21.41 10.36 -8.74
N GLU A 111 -21.23 11.41 -9.55
CA GLU A 111 -21.77 12.78 -9.34
C GLU A 111 -23.21 12.85 -9.88
N VAL A 112 -23.76 11.71 -10.30
CA VAL A 112 -25.18 11.59 -10.76
C VAL A 112 -25.94 10.75 -9.74
N THR A 113 -25.25 9.84 -9.04
CA THR A 113 -25.82 9.02 -7.95
C THR A 113 -24.68 8.35 -7.19
N PRO A 114 -24.64 8.45 -5.83
CA PRO A 114 -23.60 7.79 -5.06
C PRO A 114 -23.86 6.28 -4.93
N LYS A 115 -24.85 5.73 -5.65
CA LYS A 115 -25.02 4.25 -5.82
C LYS A 115 -23.83 3.70 -6.60
N VAL A 116 -23.27 4.52 -7.51
CA VAL A 116 -22.00 4.30 -8.27
C VAL A 116 -20.83 4.45 -7.31
N LYS A 117 -19.93 3.48 -7.26
CA LYS A 117 -18.69 3.51 -6.44
C LYS A 117 -17.51 3.39 -7.40
N PRO A 118 -16.93 4.51 -7.86
CA PRO A 118 -15.70 4.45 -8.66
C PRO A 118 -14.53 3.79 -7.88
N VAL A 119 -13.82 2.88 -8.53
CA VAL A 119 -12.66 2.16 -7.90
C VAL A 119 -11.36 2.81 -8.39
N LEU A 120 -11.40 3.61 -9.47
CA LEU A 120 -10.27 4.49 -9.86
C LEU A 120 -10.46 5.82 -9.14
N PRO A 121 -9.37 6.58 -8.82
CA PRO A 121 -9.52 7.87 -8.14
C PRO A 121 -10.36 8.83 -8.98
N PRO A 122 -11.43 9.41 -8.38
CA PRO A 122 -12.57 9.95 -9.13
C PRO A 122 -12.54 11.45 -9.39
N PRO A 123 -12.15 11.91 -10.60
CA PRO A 123 -11.96 13.35 -10.85
C PRO A 123 -13.30 14.09 -10.73
N GLU A 124 -13.32 15.43 -10.72
CA GLU A 124 -14.56 16.22 -10.52
C GLU A 124 -15.10 16.66 -11.88
N GLY A 125 -16.13 15.96 -12.36
CA GLY A 125 -16.84 16.30 -13.62
C GLY A 125 -15.91 16.35 -14.83
N GLU A 126 -16.36 16.92 -15.94
CA GLU A 126 -15.66 16.86 -17.25
C GLU A 126 -15.58 15.37 -17.63
N SER A 127 -16.73 14.69 -17.55
CA SER A 127 -16.86 13.23 -17.77
C SER A 127 -16.93 12.92 -19.27
N TYR A 128 -17.08 13.92 -20.12
CA TYR A 128 -17.21 13.72 -21.58
C TYR A 128 -16.39 14.77 -22.31
N PRO A 129 -15.58 14.36 -23.32
CA PRO A 129 -15.41 12.95 -23.69
C PRO A 129 -14.39 12.24 -22.80
N SER A 130 -14.02 11.00 -23.17
CA SER A 130 -13.13 10.11 -22.37
C SER A 130 -11.68 10.17 -22.88
N GLY A 131 -10.81 10.86 -22.15
CA GLY A 131 -9.40 11.05 -22.51
C GLY A 131 -8.70 9.74 -22.70
N HIS A 132 -8.97 8.77 -21.83
CA HIS A 132 -8.31 7.43 -21.89
C HIS A 132 -8.71 6.82 -23.23
N THR A 133 -10.01 6.59 -23.40
CA THR A 133 -10.61 6.08 -24.66
C THR A 133 -9.92 6.79 -25.82
N MET A 134 -9.84 8.09 -25.77
CA MET A 134 -9.23 8.88 -26.86
C MET A 134 -7.75 8.50 -26.99
N ARG A 135 -6.96 8.49 -25.91
CA ARG A 135 -5.52 8.13 -26.01
C ARG A 135 -5.40 6.75 -26.68
N SER A 136 -6.28 5.82 -26.31
CA SER A 136 -6.24 4.39 -26.74
C SER A 136 -6.51 4.24 -28.24
N TYR A 137 -7.71 4.64 -28.71
CA TYR A 137 -8.09 4.65 -30.16
C TYR A 137 -7.10 5.51 -30.96
N PHE A 138 -6.60 6.59 -30.37
CA PHE A 138 -5.55 7.47 -30.97
C PHE A 138 -4.31 6.65 -31.30
N LYS A 139 -3.79 5.92 -30.32
CA LYS A 139 -2.58 5.09 -30.51
C LYS A 139 -2.88 3.99 -31.53
N ALA A 140 -3.90 3.17 -31.29
CA ALA A 140 -4.35 2.10 -32.23
C ALA A 140 -4.34 2.66 -33.65
N SER A 141 -5.01 3.78 -33.88
CA SER A 141 -5.11 4.45 -35.20
C SER A 141 -3.72 4.60 -35.83
N LEU A 142 -2.83 5.32 -35.17
CA LEU A 142 -1.46 5.64 -35.67
C LEU A 142 -0.67 4.34 -35.85
N LEU A 143 -0.66 3.46 -34.84
CA LEU A 143 -0.03 2.12 -34.96
C LEU A 143 -0.60 1.43 -36.21
N SER A 144 -1.90 1.16 -36.23
CA SER A 144 -2.61 0.44 -37.31
C SER A 144 -2.22 0.98 -38.70
N MET A 145 -1.84 2.25 -38.83
CA MET A 145 -1.34 2.83 -40.11
C MET A 145 0.07 2.33 -40.38
N LEU A 146 0.93 2.42 -39.35
CA LEU A 146 2.35 1.98 -39.38
C LEU A 146 2.43 0.47 -39.59
N VAL A 147 1.56 -0.30 -38.94
CA VAL A 147 1.60 -1.80 -38.90
C VAL A 147 0.21 -2.38 -39.24
N PRO A 148 -0.31 -2.13 -40.47
CA PRO A 148 -1.62 -2.63 -40.88
C PRO A 148 -1.87 -4.11 -40.56
N GLU A 149 -0.80 -4.90 -40.50
CA GLU A 149 -0.85 -6.36 -40.21
C GLU A 149 -1.70 -6.62 -38.96
N HIS A 150 -1.46 -5.86 -37.88
CA HIS A 150 -2.10 -6.10 -36.56
C HIS A 150 -3.22 -5.09 -36.28
N HIS A 151 -3.73 -4.43 -37.32
CA HIS A 151 -4.86 -3.48 -37.24
C HIS A 151 -5.89 -4.03 -36.24
N ASP A 152 -6.56 -5.12 -36.61
CA ASP A 152 -7.69 -5.69 -35.83
C ASP A 152 -7.29 -5.87 -34.35
N ALA A 153 -6.02 -6.20 -34.08
CA ALA A 153 -5.47 -6.50 -32.73
C ALA A 153 -5.43 -5.24 -31.85
N PHE A 154 -4.79 -4.18 -32.37
CA PHE A 154 -4.63 -2.84 -31.74
C PHE A 154 -5.98 -2.23 -31.32
N PHE A 155 -7.01 -2.43 -32.16
CA PHE A 155 -8.35 -1.82 -31.99
C PHE A 155 -9.10 -2.60 -30.91
N ALA A 156 -8.89 -3.91 -30.82
CA ALA A 156 -9.46 -4.73 -29.73
C ALA A 156 -8.74 -4.36 -28.42
N ARG A 157 -7.48 -3.94 -28.51
CA ARG A 157 -6.67 -3.47 -27.36
C ARG A 157 -7.29 -2.17 -26.87
N ALA A 158 -7.60 -1.25 -27.79
CA ALA A 158 -8.10 0.08 -27.42
C ALA A 158 -9.47 -0.11 -26.76
N GLU A 159 -10.29 -1.05 -27.24
CA GLU A 159 -11.60 -1.42 -26.62
C GLU A 159 -11.38 -1.87 -25.17
N GLU A 160 -10.57 -2.91 -24.93
CA GLU A 160 -10.25 -3.41 -23.56
C GLU A 160 -10.13 -2.20 -22.63
N HIS A 161 -9.22 -1.28 -22.99
CA HIS A 161 -8.87 -0.02 -22.28
C HIS A 161 -10.13 0.82 -22.05
N ALA A 162 -10.62 1.48 -23.11
CA ALA A 162 -11.91 2.21 -23.13
C ALA A 162 -12.89 1.59 -22.13
N GLN A 163 -13.29 0.33 -22.31
CA GLN A 163 -14.30 -0.32 -21.46
C GLN A 163 -13.85 -0.30 -20.00
N SER A 164 -12.56 -0.51 -19.72
CA SER A 164 -12.03 -0.60 -18.33
C SER A 164 -12.59 0.55 -17.48
N ARG A 165 -12.93 1.68 -18.12
CA ARG A 165 -13.37 2.95 -17.46
C ARG A 165 -14.82 2.83 -17.00
N VAL A 166 -15.73 2.31 -17.83
CA VAL A 166 -17.16 2.06 -17.47
C VAL A 166 -17.20 1.07 -16.29
N LEU A 167 -16.39 0.00 -16.37
CA LEU A 167 -16.19 -0.97 -15.28
C LEU A 167 -15.83 -0.21 -13.99
N ALA A 168 -14.73 0.55 -14.06
CA ALA A 168 -14.13 1.34 -12.95
C ALA A 168 -15.14 2.34 -12.38
N GLY A 169 -16.09 2.83 -13.18
CA GLY A 169 -17.19 3.70 -12.71
C GLY A 169 -16.93 5.17 -12.99
N VAL A 170 -15.83 5.51 -13.67
CA VAL A 170 -15.39 6.93 -13.87
C VAL A 170 -15.95 7.46 -15.21
N HIS A 171 -16.60 6.60 -16.00
CA HIS A 171 -17.17 7.02 -17.32
C HIS A 171 -18.41 6.22 -17.66
N PHE A 172 -19.37 6.87 -18.33
CA PHE A 172 -20.53 6.25 -19.03
C PHE A 172 -20.12 5.74 -20.42
N PRO A 173 -20.82 4.73 -21.00
CA PRO A 173 -20.54 4.29 -22.38
C PRO A 173 -20.44 5.41 -23.43
N SER A 174 -21.29 6.45 -23.34
CA SER A 174 -21.34 7.57 -24.33
C SER A 174 -20.07 8.43 -24.22
N ASP A 175 -19.45 8.43 -23.04
CA ASP A 175 -18.16 9.13 -22.82
C ASP A 175 -17.15 8.51 -23.79
N LEU A 176 -17.17 7.18 -23.89
CA LEU A 176 -16.26 6.39 -24.78
C LEU A 176 -16.57 6.75 -26.24
N GLU A 177 -17.85 6.79 -26.59
CA GLU A 177 -18.25 7.10 -27.98
C GLU A 177 -17.54 8.40 -28.35
N GLY A 178 -17.48 9.35 -27.43
CA GLY A 178 -16.83 10.66 -27.68
C GLY A 178 -15.34 10.54 -27.89
N GLY A 179 -14.65 9.86 -26.97
CA GLY A 179 -13.21 9.64 -27.06
C GLY A 179 -12.83 9.04 -28.40
N GLN A 180 -13.69 8.14 -28.90
CA GLN A 180 -13.47 7.37 -30.15
C GLN A 180 -13.47 8.33 -31.35
N THR A 181 -14.52 9.14 -31.44
CA THR A 181 -14.79 10.09 -32.56
C THR A 181 -13.66 11.13 -32.61
N ALA A 182 -13.19 11.56 -31.44
CA ALA A 182 -12.26 12.68 -31.25
C ALA A 182 -10.88 12.24 -31.74
N ALA A 183 -10.45 11.08 -31.22
CA ALA A 183 -9.20 10.38 -31.60
C ALA A 183 -9.07 10.47 -33.13
N ALA A 184 -10.16 10.14 -33.82
CA ALA A 184 -10.26 10.23 -35.30
C ALA A 184 -9.85 11.63 -35.72
N ALA A 185 -10.71 12.61 -35.45
CA ALA A 185 -10.51 14.02 -35.84
C ALA A 185 -9.05 14.40 -35.65
N LEU A 186 -8.46 14.09 -34.49
CA LEU A 186 -7.10 14.58 -34.15
C LEU A 186 -6.05 13.96 -35.07
N VAL A 187 -6.17 12.65 -35.31
CA VAL A 187 -5.23 11.89 -36.19
C VAL A 187 -5.21 12.55 -37.58
N ALA A 188 -6.38 12.72 -38.18
CA ALA A 188 -6.55 13.28 -39.54
C ALA A 188 -5.85 14.62 -39.61
N SER A 189 -6.07 15.40 -38.55
CA SER A 189 -5.71 16.85 -38.44
C SER A 189 -4.20 16.92 -38.31
N LEU A 190 -3.64 15.89 -37.69
CA LEU A 190 -2.22 15.81 -37.28
C LEU A 190 -1.35 15.41 -38.49
N LEU A 191 -1.79 14.41 -39.27
CA LEU A 191 -0.98 13.82 -40.37
C LEU A 191 -1.16 14.65 -41.64
N ALA A 192 -2.19 15.49 -41.66
CA ALA A 192 -2.43 16.52 -42.70
C ALA A 192 -1.22 17.46 -42.77
N ASP A 193 -0.63 17.82 -41.62
CA ASP A 193 0.59 18.66 -41.53
C ASP A 193 1.77 17.88 -42.08
N PRO A 194 2.38 18.34 -43.19
CA PRO A 194 3.43 17.57 -43.85
C PRO A 194 4.74 17.44 -43.04
N ALA A 195 5.00 18.34 -42.08
CA ALA A 195 6.15 18.21 -41.14
C ALA A 195 5.93 16.97 -40.27
N VAL A 196 4.73 16.83 -39.72
CA VAL A 196 4.32 15.64 -38.92
C VAL A 196 4.31 14.41 -39.84
N ALA A 197 3.72 14.53 -41.03
CA ALA A 197 3.59 13.45 -42.05
C ALA A 197 4.96 12.87 -42.42
N ALA A 198 5.96 13.76 -42.58
CA ALA A 198 7.39 13.43 -42.77
C ALA A 198 7.89 12.52 -41.64
N ASP A 199 7.80 12.99 -40.39
CA ASP A 199 8.29 12.27 -39.17
C ASP A 199 7.63 10.89 -39.08
N PHE A 200 6.33 10.82 -39.37
CA PHE A 200 5.52 9.60 -39.27
C PHE A 200 5.97 8.60 -40.34
N ALA A 201 6.53 9.09 -41.46
CA ALA A 201 7.12 8.23 -42.52
C ALA A 201 8.39 7.57 -41.97
N ALA A 202 9.34 8.38 -41.47
CA ALA A 202 10.57 7.95 -40.77
C ALA A 202 10.23 6.93 -39.68
N VAL A 203 9.11 7.11 -38.99
CA VAL A 203 8.67 6.17 -37.93
C VAL A 203 8.15 4.88 -38.55
N ARG A 204 7.56 4.91 -39.75
CA ARG A 204 7.11 3.65 -40.42
C ARG A 204 8.36 2.80 -40.69
N GLU A 205 9.42 3.40 -41.27
CA GLU A 205 10.71 2.72 -41.58
C GLU A 205 11.33 2.20 -40.28
N GLU A 206 11.61 3.08 -39.31
CA GLU A 206 12.21 2.68 -38.01
C GLU A 206 11.50 1.40 -37.51
N LEU A 207 10.18 1.48 -37.31
CA LEU A 207 9.36 0.48 -36.55
C LEU A 207 9.18 -0.82 -37.35
N ARG A 208 8.99 -0.72 -38.67
CA ARG A 208 8.80 -1.91 -39.55
C ARG A 208 10.15 -2.61 -39.71
N GLY A 209 11.18 -1.82 -40.03
CA GLY A 209 12.59 -2.26 -40.09
C GLY A 209 13.01 -2.92 -38.80
N ALA A 210 12.71 -2.33 -37.66
CA ALA A 210 12.91 -2.93 -36.32
C ALA A 210 12.14 -4.23 -36.15
N LEU A 211 10.96 -4.34 -36.79
CA LEU A 211 10.07 -5.54 -36.68
C LEU A 211 10.31 -6.50 -37.86
N GLY A 212 11.16 -6.12 -38.82
CA GLY A 212 11.38 -6.88 -40.06
C GLY A 212 10.07 -7.12 -40.78
N LEU A 213 9.44 -6.05 -41.29
CA LEU A 213 8.24 -6.13 -42.17
C LEU A 213 8.61 -5.48 -43.50
N PRO A 214 8.03 -5.92 -44.64
CA PRO A 214 8.45 -5.43 -45.97
C PRO A 214 8.00 -4.01 -46.36
N LYS A 215 7.42 -3.81 -47.56
CA LYS A 215 6.83 -2.55 -48.09
C LYS A 215 7.24 -1.37 -47.20
N ALA B 4 -19.13 -5.92 -2.52
CA ALA B 4 -18.54 -4.73 -1.81
C ALA B 4 -17.22 -4.31 -2.48
N ALA B 5 -16.98 -2.99 -2.62
CA ALA B 5 -15.96 -2.41 -3.52
C ALA B 5 -14.88 -1.66 -2.73
N PRO B 6 -13.60 -1.68 -3.18
CA PRO B 6 -12.53 -0.99 -2.46
C PRO B 6 -12.72 0.53 -2.51
N TYR B 7 -12.07 1.26 -1.60
CA TYR B 7 -11.94 2.73 -1.65
C TYR B 7 -10.90 3.02 -2.73
N PRO B 8 -11.15 3.98 -3.63
CA PRO B 8 -10.25 4.20 -4.74
C PRO B 8 -8.99 4.97 -4.30
N LEU B 9 -8.15 4.32 -3.48
CA LEU B 9 -6.84 4.87 -3.02
C LEU B 9 -5.94 5.14 -4.22
N ALA B 10 -5.40 6.36 -4.32
CA ALA B 10 -4.48 6.78 -5.39
C ALA B 10 -3.15 6.03 -5.24
N HIS B 11 -2.66 5.93 -3.99
CA HIS B 11 -1.32 5.39 -3.65
C HIS B 11 -1.41 4.38 -2.51
N PRO B 12 -1.96 3.14 -2.72
CA PRO B 12 -1.89 2.11 -1.70
C PRO B 12 -0.43 1.78 -1.42
N PRO B 13 -0.13 1.23 -0.21
CA PRO B 13 1.23 0.90 0.17
C PRO B 13 1.64 -0.48 -0.37
N ARG B 14 2.89 -0.60 -0.82
CA ARG B 14 3.50 -1.89 -1.22
C ARG B 14 4.00 -2.56 0.06
N LEU B 15 3.32 -3.60 0.57
CA LEU B 15 3.58 -4.09 1.96
C LEU B 15 5.03 -4.55 2.09
N ALA B 16 5.56 -5.19 1.05
CA ALA B 16 6.96 -5.67 0.98
C ALA B 16 7.94 -4.57 1.45
N ASP B 17 7.66 -3.29 1.15
CA ASP B 17 8.52 -2.18 1.60
C ASP B 17 8.47 -2.03 3.11
N TYR B 18 7.38 -2.41 3.78
CA TYR B 18 7.15 -2.14 5.22
C TYR B 18 7.58 -3.32 6.08
N LEU B 19 7.84 -4.46 5.46
CA LEU B 19 8.10 -5.75 6.17
C LEU B 19 9.54 -6.14 5.96
N PRO B 20 10.18 -6.77 6.97
CA PRO B 20 11.42 -7.51 6.73
C PRO B 20 10.98 -8.76 5.98
N PRO B 21 11.90 -9.52 5.33
CA PRO B 21 11.58 -10.87 4.88
C PRO B 21 11.38 -11.81 6.07
N PRO B 22 10.68 -12.95 5.90
CA PRO B 22 10.67 -14.00 6.92
C PRO B 22 12.08 -14.53 7.17
N PRO B 23 12.32 -15.22 8.30
CA PRO B 23 13.64 -15.78 8.57
C PRO B 23 14.05 -16.71 7.44
N ALA B 24 15.36 -16.83 7.15
CA ALA B 24 15.90 -17.80 6.17
C ALA B 24 15.88 -19.20 6.82
N ALA B 25 15.68 -20.25 6.01
CA ALA B 25 15.28 -21.62 6.45
C ALA B 25 16.27 -22.17 7.48
N ASP B 26 17.53 -21.70 7.44
CA ASP B 26 18.64 -22.18 8.30
C ASP B 26 18.58 -21.53 9.69
N SER B 27 18.33 -20.21 9.71
CA SER B 27 18.53 -19.26 10.84
C SER B 27 17.97 -19.86 12.14
N ALA B 28 18.56 -19.51 13.29
CA ALA B 28 18.05 -19.85 14.64
C ALA B 28 16.66 -19.23 14.81
N ALA B 29 16.40 -18.15 14.06
CA ALA B 29 15.09 -17.47 13.94
C ALA B 29 14.04 -18.47 13.43
N ALA B 30 14.34 -19.16 12.33
CA ALA B 30 13.46 -20.17 11.68
C ALA B 30 13.29 -21.42 12.57
N VAL B 31 14.32 -21.85 13.32
CA VAL B 31 14.20 -23.05 14.19
C VAL B 31 13.23 -22.69 15.32
N ALA B 32 13.26 -21.44 15.77
CA ALA B 32 12.36 -20.91 16.82
C ALA B 32 10.93 -20.96 16.29
N ASP B 33 10.69 -20.35 15.12
CA ASP B 33 9.34 -20.20 14.49
C ASP B 33 8.72 -21.60 14.39
N LEU B 34 9.38 -22.50 13.65
CA LEU B 34 8.97 -23.92 13.51
C LEU B 34 8.77 -24.52 14.93
N GLY B 35 9.74 -24.33 15.84
CA GLY B 35 9.67 -24.88 17.21
C GLY B 35 8.35 -24.56 17.90
N ALA B 36 7.86 -23.33 17.72
CA ALA B 36 6.69 -22.75 18.42
C ALA B 36 5.39 -23.37 17.90
N VAL B 37 5.30 -23.64 16.59
CA VAL B 37 4.07 -24.22 15.96
C VAL B 37 3.88 -25.62 16.55
N LEU B 38 4.98 -26.39 16.61
CA LEU B 38 5.01 -27.82 17.02
C LEU B 38 4.74 -27.91 18.51
N GLU B 39 5.22 -26.92 19.26
CA GLU B 39 5.00 -26.80 20.72
C GLU B 39 3.50 -26.56 20.94
N ALA B 40 2.88 -25.70 20.12
CA ALA B 40 1.45 -25.32 20.17
C ALA B 40 0.58 -26.49 19.71
N GLN B 41 1.09 -27.33 18.80
CA GLN B 41 0.47 -28.60 18.30
C GLN B 41 0.59 -29.70 19.35
N ARG B 42 1.60 -29.61 20.21
CA ARG B 42 1.80 -30.54 21.34
C ARG B 42 0.69 -30.28 22.36
N LEU B 43 0.37 -29.01 22.59
CA LEU B 43 -0.42 -28.53 23.76
C LEU B 43 -1.88 -28.22 23.39
N ARG B 44 -2.22 -28.02 22.11
CA ARG B 44 -3.61 -27.65 21.73
C ARG B 44 -4.48 -28.83 22.16
N THR B 45 -5.58 -28.54 22.85
CA THR B 45 -6.54 -29.54 23.38
C THR B 45 -7.59 -29.83 22.32
N PRO B 46 -8.29 -30.99 22.38
CA PRO B 46 -9.49 -31.21 21.57
C PRO B 46 -10.49 -30.05 21.54
N GLU B 47 -10.87 -29.49 22.68
CA GLU B 47 -11.91 -28.42 22.72
C GLU B 47 -11.38 -27.20 21.96
N GLN B 48 -10.05 -26.96 22.02
CA GLN B 48 -9.36 -25.82 21.32
C GLN B 48 -9.45 -26.02 19.79
N VAL B 49 -9.02 -27.17 19.30
CA VAL B 49 -9.08 -27.54 17.85
C VAL B 49 -10.49 -27.34 17.31
N ARG B 50 -11.50 -27.84 18.03
CA ARG B 50 -12.93 -27.76 17.63
C ARG B 50 -13.37 -26.29 17.54
N ARG B 51 -12.93 -25.45 18.49
CA ARG B 51 -13.24 -23.99 18.54
C ARG B 51 -12.70 -23.34 17.25
N VAL B 52 -11.40 -23.48 16.97
CA VAL B 52 -10.73 -22.76 15.85
C VAL B 52 -11.36 -23.20 14.53
N ARG B 53 -11.86 -24.44 14.52
CA ARG B 53 -12.59 -24.94 13.33
C ARG B 53 -14.06 -24.61 13.51
N ALA B 54 -14.36 -23.51 14.22
CA ALA B 54 -15.73 -23.05 14.51
C ALA B 54 -16.50 -23.04 13.20
N HIS B 55 -16.04 -22.16 12.29
CA HIS B 55 -16.42 -21.84 10.87
C HIS B 55 -15.98 -20.41 10.55
N ASP B 56 -15.74 -20.12 9.27
CA ASP B 56 -15.26 -18.77 8.90
C ASP B 56 -16.41 -17.77 8.88
N HIS B 57 -17.11 -17.69 7.74
CA HIS B 57 -18.23 -16.73 7.50
C HIS B 57 -17.67 -15.31 7.63
N PRO B 58 -16.93 -14.84 6.62
CA PRO B 58 -16.41 -13.48 6.75
C PRO B 58 -17.11 -12.49 5.81
N GLU B 59 -18.45 -12.51 5.80
CA GLU B 59 -19.30 -11.61 4.96
C GLU B 59 -19.17 -10.18 5.51
N ASP B 60 -19.51 -9.93 6.78
CA ASP B 60 -19.15 -8.68 7.51
C ASP B 60 -18.45 -9.10 8.81
N ASN B 61 -17.18 -9.50 8.71
CA ASN B 61 -16.46 -10.25 9.80
C ASN B 61 -16.15 -9.33 10.99
N VAL B 62 -16.66 -8.08 10.99
CA VAL B 62 -16.33 -7.00 11.97
C VAL B 62 -17.28 -7.05 13.18
N PHE B 63 -18.51 -7.56 12.98
CA PHE B 63 -19.58 -7.74 14.02
C PHE B 63 -19.22 -8.94 14.90
N PRO B 64 -19.08 -10.17 14.34
CA PRO B 64 -18.46 -11.30 15.05
C PRO B 64 -17.04 -11.06 15.59
N PHE B 65 -16.39 -9.95 15.25
CA PHE B 65 -15.07 -9.56 15.81
C PHE B 65 -15.32 -8.89 17.16
N ALA B 66 -16.04 -7.77 17.16
CA ALA B 66 -16.55 -7.07 18.37
C ALA B 66 -17.90 -7.71 18.73
N GLY B 67 -19.01 -6.97 18.69
CA GLY B 67 -20.34 -7.56 18.87
C GLY B 67 -20.56 -8.02 20.30
N ASP B 68 -19.73 -8.94 20.81
CA ASP B 68 -19.75 -9.32 22.24
C ASP B 68 -19.06 -8.22 23.05
N LEU B 69 -17.92 -7.69 22.58
CA LEU B 69 -17.16 -6.63 23.32
C LEU B 69 -18.00 -5.34 23.39
N LEU B 70 -18.52 -4.87 22.25
CA LEU B 70 -19.54 -3.80 22.22
C LEU B 70 -20.88 -4.43 22.65
N GLY B 71 -22.00 -3.71 22.51
CA GLY B 71 -23.33 -4.22 22.91
C GLY B 71 -24.01 -5.05 21.84
N ALA B 72 -25.27 -5.43 22.08
CA ALA B 72 -26.27 -5.79 21.06
C ALA B 72 -26.80 -4.50 20.40
N SER B 73 -26.27 -3.32 20.78
CA SER B 73 -26.30 -2.05 19.99
C SER B 73 -25.53 -2.26 18.67
N PHE B 74 -24.45 -3.05 18.74
CA PHE B 74 -23.56 -3.37 17.59
C PHE B 74 -24.28 -4.34 16.65
N ASP B 75 -25.18 -3.76 15.84
CA ASP B 75 -26.15 -4.48 14.98
C ASP B 75 -25.79 -4.20 13.52
N LYS B 76 -25.46 -5.27 12.79
CA LYS B 76 -25.20 -5.27 11.34
C LYS B 76 -26.39 -4.66 10.60
N GLU B 77 -27.59 -4.81 11.16
CA GLU B 77 -28.89 -4.26 10.67
C GLU B 77 -28.93 -2.75 10.92
N ARG B 78 -28.60 -2.32 12.15
CA ARG B 78 -28.81 -0.94 12.64
C ARG B 78 -27.68 -0.01 12.17
N LEU B 79 -26.59 -0.55 11.60
CA LEU B 79 -25.41 0.28 11.27
C LEU B 79 -25.06 0.09 9.81
N PRO B 80 -25.61 0.91 8.89
CA PRO B 80 -25.27 0.83 7.47
C PRO B 80 -23.85 1.32 7.13
N LEU B 81 -23.52 2.56 7.52
CA LEU B 81 -22.25 3.26 7.20
C LEU B 81 -21.06 2.47 7.76
N THR B 82 -21.22 1.98 9.00
CA THR B 82 -20.23 1.10 9.69
C THR B 82 -20.01 -0.15 8.83
N ARG B 83 -21.08 -0.89 8.56
CA ARG B 83 -21.03 -2.19 7.85
C ARG B 83 -20.34 -1.99 6.50
N SER B 84 -20.78 -0.97 5.74
CA SER B 84 -20.25 -0.51 4.43
C SER B 84 -18.75 -0.21 4.51
N PHE B 85 -18.33 0.68 5.41
CA PHE B 85 -16.90 1.08 5.60
C PHE B 85 -16.05 -0.19 5.67
N PHE B 86 -16.20 -0.94 6.76
CA PHE B 86 -15.39 -2.15 7.08
C PHE B 86 -15.37 -3.09 5.87
N ASN B 87 -16.49 -3.26 5.17
CA ASN B 87 -16.59 -4.25 4.07
C ASN B 87 -15.73 -3.78 2.91
N ARG B 88 -15.82 -2.49 2.58
CA ARG B 88 -15.04 -1.83 1.50
C ARG B 88 -13.54 -1.87 1.85
N ALA B 89 -13.16 -1.46 3.06
CA ALA B 89 -11.77 -1.41 3.55
C ALA B 89 -11.15 -2.81 3.58
N GLN B 90 -11.94 -3.87 3.88
CA GLN B 90 -11.50 -5.30 3.89
C GLN B 90 -11.18 -5.73 2.45
N GLU B 91 -11.71 -5.02 1.45
CA GLU B 91 -11.37 -5.16 0.01
C GLU B 91 -10.09 -4.38 -0.32
N ASN B 92 -9.89 -3.21 0.29
CA ASN B 92 -8.59 -2.49 0.17
C ASN B 92 -7.45 -3.35 0.72
N LEU B 93 -7.76 -4.18 1.72
CA LEU B 93 -6.77 -5.00 2.47
C LEU B 93 -6.33 -6.17 1.61
N VAL B 94 -7.27 -6.91 1.04
CA VAL B 94 -6.98 -8.06 0.12
C VAL B 94 -5.98 -7.59 -0.96
N GLU B 95 -6.20 -6.37 -1.49
CA GLU B 95 -5.52 -5.84 -2.69
C GLU B 95 -4.03 -5.56 -2.39
N VAL B 96 -3.67 -5.25 -1.14
CA VAL B 96 -2.22 -5.13 -0.75
C VAL B 96 -1.75 -6.43 -0.09
N LEU B 97 -2.66 -7.27 0.38
CA LEU B 97 -2.30 -8.58 0.99
C LEU B 97 -1.79 -9.52 -0.12
N MET B 98 -2.55 -9.68 -1.20
CA MET B 98 -2.31 -10.79 -2.16
C MET B 98 -0.93 -10.64 -2.81
N PRO B 99 -0.53 -9.42 -3.28
CA PRO B 99 0.79 -9.23 -3.88
C PRO B 99 1.92 -9.55 -2.91
N ALA B 100 1.81 -9.04 -1.67
CA ALA B 100 2.81 -9.18 -0.59
C ALA B 100 3.05 -10.66 -0.26
N LYS B 101 1.96 -11.44 -0.19
CA LYS B 101 1.95 -12.90 0.12
C LYS B 101 2.78 -13.64 -0.91
N LYS B 102 2.50 -13.31 -2.19
CA LYS B 102 3.05 -13.87 -3.45
C LYS B 102 4.52 -13.46 -3.55
N HIS B 103 4.79 -12.17 -3.48
CA HIS B 103 6.19 -11.64 -3.44
C HIS B 103 7.05 -12.51 -2.51
N PHE B 104 6.67 -12.69 -1.25
CA PHE B 104 7.55 -13.29 -0.22
C PHE B 104 7.56 -14.81 -0.35
N ALA B 105 6.52 -15.38 -0.95
CA ALA B 105 6.39 -16.82 -1.31
C ALA B 105 6.89 -17.70 -0.17
N ARG B 106 6.44 -17.49 1.07
CA ARG B 106 7.01 -18.27 2.21
C ARG B 106 6.36 -19.65 2.30
N PRO B 107 7.17 -20.75 2.35
CA PRO B 107 6.67 -22.07 2.71
C PRO B 107 5.95 -22.02 4.05
N ARG B 108 4.79 -22.68 4.11
CA ARG B 108 3.97 -22.95 5.31
C ARG B 108 4.69 -23.92 6.23
N PRO B 109 4.33 -23.98 7.53
CA PRO B 109 4.94 -24.93 8.46
C PRO B 109 4.90 -26.38 7.96
N TYR B 110 3.71 -26.87 7.60
CA TYR B 110 3.49 -28.26 7.10
C TYR B 110 4.34 -28.54 5.85
N GLU B 111 4.50 -27.55 4.97
CA GLU B 111 5.34 -27.63 3.76
C GLU B 111 6.81 -27.41 4.12
N VAL B 112 7.14 -27.21 5.40
CA VAL B 112 8.56 -27.23 5.88
C VAL B 112 8.83 -28.61 6.52
N THR B 113 7.86 -29.18 7.22
CA THR B 113 7.97 -30.56 7.78
C THR B 113 6.57 -31.13 7.98
N PRO B 114 6.35 -32.41 7.62
CA PRO B 114 5.03 -33.02 7.78
C PRO B 114 4.80 -33.46 9.23
N LYS B 115 5.66 -33.02 10.15
CA LYS B 115 5.43 -33.20 11.61
C LYS B 115 4.29 -32.27 12.06
N VAL B 116 4.13 -31.12 11.38
CA VAL B 116 2.97 -30.18 11.55
C VAL B 116 1.74 -30.82 10.91
N LYS B 117 0.66 -30.96 11.68
CA LYS B 117 -0.65 -31.51 11.23
C LYS B 117 -1.67 -30.39 11.33
N PRO B 118 -1.74 -29.48 10.35
CA PRO B 118 -2.67 -28.34 10.43
C PRO B 118 -4.14 -28.77 10.53
N VAL B 119 -4.93 -28.12 11.37
CA VAL B 119 -6.36 -28.52 11.57
C VAL B 119 -7.30 -27.51 10.91
N LEU B 120 -6.78 -26.43 10.34
CA LEU B 120 -7.56 -25.64 9.35
C LEU B 120 -7.19 -26.15 7.96
N PRO B 121 -8.09 -26.03 6.96
CA PRO B 121 -7.75 -26.36 5.57
C PRO B 121 -6.51 -25.61 5.09
N PRO B 122 -5.43 -26.34 4.73
CA PRO B 122 -4.09 -25.80 4.59
C PRO B 122 -3.78 -25.25 3.19
N PRO B 123 -3.73 -23.91 3.01
CA PRO B 123 -3.45 -23.33 1.69
C PRO B 123 -2.03 -23.71 1.28
N GLU B 124 -1.68 -23.52 0.01
CA GLU B 124 -0.32 -23.87 -0.52
C GLU B 124 0.54 -22.61 -0.49
N GLY B 125 1.52 -22.54 0.42
CA GLY B 125 2.55 -21.49 0.46
C GLY B 125 1.98 -20.09 0.48
N GLU B 126 2.82 -19.06 0.30
CA GLU B 126 2.44 -17.64 0.57
C GLU B 126 2.01 -17.57 2.04
N SER B 127 2.88 -18.06 2.92
CA SER B 127 2.65 -18.22 4.38
C SER B 127 2.92 -16.89 5.10
N TYR B 128 3.45 -15.88 4.41
CA TYR B 128 3.87 -14.62 5.05
C TYR B 128 3.60 -13.44 4.11
N PRO B 129 2.97 -12.37 4.65
CA PRO B 129 2.56 -12.31 6.06
C PRO B 129 1.29 -13.13 6.31
N SER B 130 0.62 -12.91 7.45
CA SER B 130 -0.66 -13.56 7.86
C SER B 130 -1.87 -12.65 7.58
N GLY B 131 -2.75 -13.06 6.66
CA GLY B 131 -3.95 -12.31 6.24
C GLY B 131 -4.91 -12.11 7.39
N HIS B 132 -5.21 -13.19 8.11
CA HIS B 132 -6.10 -13.20 9.29
C HIS B 132 -5.57 -12.15 10.27
N THR B 133 -4.36 -12.41 10.77
CA THR B 133 -3.66 -11.54 11.74
C THR B 133 -3.77 -10.10 11.25
N MET B 134 -3.49 -9.87 9.97
CA MET B 134 -3.67 -8.53 9.39
C MET B 134 -5.15 -8.12 9.48
N ARG B 135 -6.12 -8.91 8.99
CA ARG B 135 -7.54 -8.47 9.04
C ARG B 135 -7.86 -8.08 10.49
N SER B 136 -7.40 -8.84 11.48
CA SER B 136 -7.77 -8.68 12.91
C SER B 136 -7.21 -7.37 13.48
N TYR B 137 -5.89 -7.20 13.52
CA TYR B 137 -5.23 -5.93 13.97
C TYR B 137 -5.73 -4.73 13.14
N PHE B 138 -6.08 -4.93 11.87
CA PHE B 138 -6.71 -3.90 10.99
C PHE B 138 -8.03 -3.44 11.61
N LYS B 139 -8.87 -4.36 12.08
CA LYS B 139 -10.21 -4.01 12.62
C LYS B 139 -10.03 -3.35 13.99
N ALA B 140 -9.30 -4.00 14.89
CA ALA B 140 -8.97 -3.44 16.23
C ALA B 140 -8.51 -1.98 16.06
N SER B 141 -7.51 -1.74 15.21
CA SER B 141 -6.95 -0.40 14.91
C SER B 141 -8.08 0.58 14.66
N LEU B 142 -8.99 0.25 13.75
CA LEU B 142 -10.08 1.15 13.24
C LEU B 142 -11.16 1.34 14.33
N LEU B 143 -11.50 0.27 15.05
CA LEU B 143 -12.53 0.30 16.13
C LEU B 143 -11.98 1.12 17.31
N SER B 144 -10.79 0.79 17.79
CA SER B 144 -10.11 1.55 18.86
C SER B 144 -10.00 3.03 18.50
N MET B 145 -10.10 3.38 17.21
CA MET B 145 -10.11 4.79 16.73
C MET B 145 -11.51 5.37 16.87
N LEU B 146 -12.52 4.57 16.56
CA LEU B 146 -13.95 4.98 16.62
C LEU B 146 -14.40 4.99 18.09
N VAL B 147 -13.96 4.01 18.88
CA VAL B 147 -14.41 3.71 20.28
C VAL B 147 -13.18 3.52 21.17
N PRO B 148 -12.34 4.57 21.34
CA PRO B 148 -11.15 4.49 22.18
C PRO B 148 -11.39 3.76 23.50
N GLU B 149 -12.56 3.92 24.07
CA GLU B 149 -13.00 3.28 25.36
C GLU B 149 -12.51 1.82 25.39
N HIS B 150 -12.77 1.04 24.35
CA HIS B 150 -12.51 -0.43 24.38
C HIS B 150 -11.27 -0.81 23.57
N HIS B 151 -10.36 0.15 23.34
CA HIS B 151 -9.03 -0.07 22.72
C HIS B 151 -8.49 -1.40 23.26
N ASP B 152 -8.03 -1.40 24.51
CA ASP B 152 -7.33 -2.55 25.11
C ASP B 152 -8.08 -3.87 24.78
N ALA B 153 -9.41 -3.87 24.78
CA ALA B 153 -10.28 -5.07 24.62
C ALA B 153 -10.19 -5.63 23.19
N PHE B 154 -10.33 -4.76 22.19
CA PHE B 154 -10.26 -5.03 20.72
C PHE B 154 -8.91 -5.69 20.36
N PHE B 155 -7.82 -5.12 20.87
CA PHE B 155 -6.41 -5.49 20.55
C PHE B 155 -6.08 -6.83 21.21
N ALA B 156 -6.78 -7.16 22.29
CA ALA B 156 -6.69 -8.49 22.96
C ALA B 156 -7.61 -9.48 22.25
N ARG B 157 -8.61 -8.99 21.50
CA ARG B 157 -9.44 -9.80 20.56
C ARG B 157 -8.56 -10.19 19.38
N ALA B 158 -7.83 -9.22 18.82
CA ALA B 158 -6.99 -9.44 17.63
C ALA B 158 -5.95 -10.51 17.95
N GLU B 159 -5.31 -10.46 19.12
CA GLU B 159 -4.32 -11.48 19.56
C GLU B 159 -4.99 -12.86 19.57
N GLU B 160 -6.17 -12.99 20.19
CA GLU B 160 -6.94 -14.28 20.31
C GLU B 160 -7.00 -14.92 18.93
N HIS B 161 -7.39 -14.13 17.92
CA HIS B 161 -7.55 -14.47 16.48
C HIS B 161 -6.19 -14.85 15.88
N ALA B 162 -5.28 -13.87 15.77
CA ALA B 162 -3.89 -14.10 15.29
C ALA B 162 -3.38 -15.44 15.84
N GLN B 163 -3.30 -15.57 17.16
CA GLN B 163 -2.70 -16.77 17.81
C GLN B 163 -3.35 -18.03 17.30
N SER B 164 -4.69 -18.05 17.22
CA SER B 164 -5.47 -19.24 16.82
C SER B 164 -4.73 -19.97 15.68
N ARG B 165 -4.22 -19.20 14.72
CA ARG B 165 -3.54 -19.72 13.50
C ARG B 165 -2.31 -20.56 13.90
N VAL B 166 -1.39 -20.02 14.71
CA VAL B 166 -0.17 -20.75 15.15
C VAL B 166 -0.57 -22.09 15.77
N LEU B 167 -1.62 -22.08 16.59
CA LEU B 167 -2.23 -23.29 17.21
C LEU B 167 -2.57 -24.29 16.09
N ALA B 168 -3.56 -23.93 15.27
CA ALA B 168 -4.06 -24.69 14.10
C ALA B 168 -2.94 -25.19 13.18
N GLY B 169 -1.81 -24.48 13.10
CA GLY B 169 -0.58 -24.98 12.43
C GLY B 169 -0.43 -24.44 11.03
N VAL B 170 -1.21 -23.43 10.65
CA VAL B 170 -1.25 -22.86 9.26
C VAL B 170 -0.34 -21.62 9.16
N HIS B 171 0.31 -21.21 10.27
CA HIS B 171 1.20 -20.03 10.32
C HIS B 171 2.25 -20.18 11.42
N PHE B 172 3.46 -19.68 11.13
CA PHE B 172 4.57 -19.47 12.08
C PHE B 172 4.33 -18.17 12.87
N PRO B 173 4.85 -18.03 14.12
CA PRO B 173 4.73 -16.79 14.89
C PRO B 173 5.15 -15.47 14.22
N SER B 174 6.09 -15.50 13.27
CA SER B 174 6.56 -14.28 12.54
C SER B 174 5.52 -13.88 11.48
N ASP B 175 4.76 -14.84 10.97
CA ASP B 175 3.69 -14.59 9.97
C ASP B 175 2.76 -13.54 10.59
N LEU B 176 2.52 -13.69 11.89
CA LEU B 176 1.70 -12.77 12.71
C LEU B 176 2.41 -11.42 12.80
N GLU B 177 3.68 -11.44 13.20
CA GLU B 177 4.50 -10.21 13.31
C GLU B 177 4.16 -9.33 12.11
N GLY B 178 4.36 -9.86 10.90
CA GLY B 178 4.14 -9.15 9.61
C GLY B 178 2.70 -8.71 9.45
N GLY B 179 1.73 -9.57 9.75
CA GLY B 179 0.30 -9.20 9.69
C GLY B 179 0.03 -7.93 10.50
N GLN B 180 0.54 -7.92 11.74
CA GLN B 180 0.43 -6.83 12.74
C GLN B 180 0.90 -5.51 12.13
N THR B 181 2.07 -5.55 11.50
CA THR B 181 2.82 -4.36 11.01
C THR B 181 2.12 -3.78 9.77
N ALA B 182 1.63 -4.64 8.90
CA ALA B 182 1.03 -4.27 7.60
C ALA B 182 -0.32 -3.58 7.84
N ALA B 183 -1.14 -4.14 8.75
CA ALA B 183 -2.45 -3.57 9.14
C ALA B 183 -2.25 -2.09 9.41
N ALA B 184 -1.26 -1.77 10.25
CA ALA B 184 -0.83 -0.39 10.55
C ALA B 184 -0.66 0.35 9.22
N ALA B 185 0.33 -0.06 8.42
CA ALA B 185 0.69 0.58 7.14
C ALA B 185 -0.60 0.87 6.37
N LEU B 186 -1.48 -0.11 6.21
CA LEU B 186 -2.71 0.07 5.39
C LEU B 186 -3.59 1.14 6.03
N VAL B 187 -3.91 0.97 7.31
CA VAL B 187 -4.83 1.85 8.07
C VAL B 187 -4.37 3.31 7.91
N ALA B 188 -3.08 3.57 8.09
CA ALA B 188 -2.48 4.91 7.99
C ALA B 188 -2.74 5.48 6.59
N SER B 189 -2.45 4.65 5.59
CA SER B 189 -2.54 4.98 4.15
C SER B 189 -4.00 5.23 3.81
N LEU B 190 -4.88 4.50 4.50
CA LEU B 190 -6.33 4.45 4.19
C LEU B 190 -6.97 5.75 4.68
N LEU B 191 -6.72 6.13 5.95
CA LEU B 191 -7.37 7.30 6.62
C LEU B 191 -6.64 8.59 6.26
N ALA B 192 -5.55 8.48 5.50
CA ALA B 192 -4.84 9.65 4.91
C ALA B 192 -5.69 10.25 3.79
N ASP B 193 -6.36 9.43 2.97
CA ASP B 193 -7.29 9.91 1.92
C ASP B 193 -8.40 10.66 2.65
N PRO B 194 -8.77 11.89 2.22
CA PRO B 194 -9.82 12.64 2.91
C PRO B 194 -11.25 12.19 2.57
N ALA B 195 -11.48 11.59 1.40
CA ALA B 195 -12.77 10.94 1.07
C ALA B 195 -13.03 9.84 2.10
N VAL B 196 -12.04 8.97 2.31
CA VAL B 196 -12.09 7.86 3.33
C VAL B 196 -12.25 8.47 4.72
N ALA B 197 -11.43 9.48 5.05
CA ALA B 197 -11.43 10.18 6.36
C ALA B 197 -12.83 10.72 6.67
N ALA B 198 -13.51 11.23 5.63
CA ALA B 198 -14.90 11.76 5.67
C ALA B 198 -15.87 10.65 6.06
N ASP B 199 -15.86 9.55 5.30
CA ASP B 199 -16.72 8.36 5.54
C ASP B 199 -16.45 7.83 6.96
N PHE B 200 -15.18 7.82 7.38
CA PHE B 200 -14.77 7.30 8.70
C PHE B 200 -15.33 8.21 9.80
N ALA B 201 -15.38 9.53 9.53
CA ALA B 201 -15.98 10.52 10.46
C ALA B 201 -17.46 10.15 10.65
N ALA B 202 -18.23 10.15 9.55
CA ALA B 202 -19.65 9.71 9.46
C ALA B 202 -19.88 8.43 10.28
N VAL B 203 -18.93 7.51 10.21
CA VAL B 203 -19.01 6.20 10.91
C VAL B 203 -18.71 6.37 12.40
N ARG B 204 -17.93 7.36 12.82
CA ARG B 204 -17.77 7.60 14.28
C ARG B 204 -19.13 8.06 14.84
N GLU B 205 -19.88 8.89 14.11
CA GLU B 205 -21.24 9.39 14.49
C GLU B 205 -22.20 8.22 14.73
N GLU B 206 -22.51 7.48 13.67
CA GLU B 206 -23.42 6.32 13.66
C GLU B 206 -23.13 5.39 14.85
N LEU B 207 -21.87 4.98 15.02
CA LEU B 207 -21.45 3.89 15.95
C LEU B 207 -21.50 4.39 17.39
N ARG B 208 -20.95 5.58 17.67
CA ARG B 208 -20.95 6.22 19.02
C ARG B 208 -22.41 6.53 19.40
N GLY B 209 -23.10 7.31 18.54
CA GLY B 209 -24.56 7.53 18.60
C GLY B 209 -25.32 6.27 18.99
N ALA B 210 -25.24 5.22 18.18
CA ALA B 210 -25.88 3.91 18.42
C ALA B 210 -25.51 3.30 19.79
N LEU B 211 -24.29 3.58 20.30
CA LEU B 211 -23.81 3.04 21.61
C LEU B 211 -24.07 4.05 22.72
N GLY B 212 -24.53 5.27 22.37
CA GLY B 212 -24.75 6.39 23.30
C GLY B 212 -23.48 6.78 24.03
N LEU B 213 -22.47 7.28 23.30
CA LEU B 213 -21.16 7.75 23.85
C LEU B 213 -21.06 9.27 23.62
N PRO B 214 -20.16 10.00 24.33
CA PRO B 214 -20.03 11.46 24.14
C PRO B 214 -19.26 11.96 22.91
N LYS B 215 -18.57 13.11 23.03
CA LYS B 215 -17.52 13.63 22.09
C LYS B 215 -17.85 13.21 20.65
N ALA C 4 16.77 21.02 12.61
CA ALA C 4 15.88 20.52 11.49
C ALA C 4 14.42 20.45 11.96
N ALA C 5 13.47 20.62 11.03
CA ALA C 5 12.03 20.87 11.32
C ALA C 5 11.17 19.71 10.83
N PRO C 6 10.08 19.37 11.56
CA PRO C 6 9.16 18.31 11.13
C PRO C 6 8.22 18.73 9.99
N TYR C 7 8.23 17.98 8.89
CA TYR C 7 7.25 18.10 7.78
C TYR C 7 5.86 18.38 8.34
N PRO C 8 5.23 19.49 7.90
CA PRO C 8 4.01 19.99 8.53
C PRO C 8 2.79 19.11 8.20
N LEU C 9 2.67 17.96 8.87
CA LEU C 9 1.54 17.03 8.66
C LEU C 9 0.27 17.63 9.24
N ALA C 10 -0.80 17.61 8.44
CA ALA C 10 -2.16 18.03 8.82
C ALA C 10 -2.66 17.08 9.91
N HIS C 11 -2.60 15.77 9.64
CA HIS C 11 -3.14 14.70 10.54
C HIS C 11 -2.07 13.64 10.84
N PRO C 12 -1.11 13.85 11.76
CA PRO C 12 -0.21 12.77 12.18
C PRO C 12 -1.00 11.68 12.91
N PRO C 13 -0.48 10.43 12.96
CA PRO C 13 -1.15 9.32 13.61
C PRO C 13 -0.87 9.27 15.12
N ARG C 14 -1.93 9.05 15.90
CA ARG C 14 -1.89 8.85 17.35
C ARG C 14 -1.51 7.39 17.57
N LEU C 15 -0.23 7.08 17.80
CA LEU C 15 0.26 5.68 17.77
C LEU C 15 -0.63 4.79 18.65
N ALA C 16 -1.04 5.26 19.81
CA ALA C 16 -1.88 4.49 20.76
C ALA C 16 -3.01 3.72 20.02
N ASP C 17 -3.65 4.32 19.02
CA ASP C 17 -4.73 3.66 18.24
C ASP C 17 -4.22 2.48 17.45
N TYR C 18 -2.93 2.46 17.10
CA TYR C 18 -2.29 1.45 16.23
C TYR C 18 -1.71 0.28 17.04
N LEU C 19 -1.50 0.48 18.34
CA LEU C 19 -0.75 -0.47 19.21
C LEU C 19 -1.69 -1.14 20.22
N PRO C 20 -1.49 -2.44 20.52
CA PRO C 20 -2.10 -3.02 21.71
C PRO C 20 -1.39 -2.38 22.90
N PRO C 21 -1.96 -2.38 24.13
CA PRO C 21 -1.19 -2.01 25.31
C PRO C 21 -0.21 -3.13 25.61
N PRO C 22 0.93 -2.86 26.28
CA PRO C 22 1.83 -3.93 26.71
C PRO C 22 1.13 -4.98 27.56
N PRO C 23 1.76 -6.14 27.79
CA PRO C 23 1.16 -7.20 28.59
C PRO C 23 0.99 -6.80 30.05
N ALA C 24 -0.20 -6.96 30.64
CA ALA C 24 -0.45 -6.65 32.07
C ALA C 24 0.50 -7.51 32.93
N ALA C 25 1.03 -6.96 34.03
CA ALA C 25 2.25 -7.40 34.77
C ALA C 25 2.09 -8.84 35.27
N ASP C 26 0.85 -9.30 35.44
CA ASP C 26 0.49 -10.66 35.94
C ASP C 26 0.69 -11.70 34.82
N SER C 27 0.23 -11.36 33.58
CA SER C 27 -0.02 -12.25 32.40
C SER C 27 1.21 -13.08 32.04
N ALA C 28 0.98 -14.23 31.41
CA ALA C 28 2.02 -15.19 30.99
C ALA C 28 2.86 -14.57 29.88
N ALA C 29 2.42 -13.43 29.32
CA ALA C 29 3.16 -12.56 28.37
C ALA C 29 4.23 -11.77 29.14
N ALA C 30 3.80 -10.97 30.13
CA ALA C 30 4.67 -10.19 31.03
C ALA C 30 5.77 -11.07 31.67
N VAL C 31 5.48 -12.32 32.01
CA VAL C 31 6.51 -13.24 32.59
C VAL C 31 7.48 -13.63 31.48
N ALA C 32 6.99 -13.75 30.24
CA ALA C 32 7.80 -14.13 29.05
C ALA C 32 8.77 -12.99 28.73
N ASP C 33 8.21 -11.78 28.55
CA ASP C 33 8.94 -10.53 28.19
C ASP C 33 10.12 -10.34 29.14
N LEU C 34 9.84 -10.20 30.44
CA LEU C 34 10.85 -10.08 31.53
C LEU C 34 11.83 -11.27 31.45
N GLY C 35 11.32 -12.49 31.24
CA GLY C 35 12.10 -13.74 31.20
C GLY C 35 13.19 -13.71 30.14
N ALA C 36 12.88 -13.08 28.99
CA ALA C 36 13.76 -12.95 27.81
C ALA C 36 14.86 -11.93 28.06
N VAL C 37 14.56 -10.81 28.75
CA VAL C 37 15.54 -9.73 29.09
C VAL C 37 16.63 -10.36 29.96
N LEU C 38 16.19 -11.18 30.93
CA LEU C 38 17.05 -11.80 31.96
C LEU C 38 17.88 -12.90 31.31
N GLU C 39 17.28 -13.62 30.35
CA GLU C 39 17.99 -14.66 29.59
C GLU C 39 19.05 -13.97 28.72
N ALA C 40 18.78 -12.77 28.21
CA ALA C 40 19.71 -11.98 27.35
C ALA C 40 20.88 -11.47 28.19
N GLN C 41 20.60 -10.99 29.41
CA GLN C 41 21.57 -10.57 30.47
C GLN C 41 22.44 -11.75 30.92
N ARG C 42 21.83 -12.91 31.09
CA ARG C 42 22.53 -14.17 31.44
C ARG C 42 23.63 -14.43 30.39
N LEU C 43 23.31 -14.25 29.10
CA LEU C 43 24.10 -14.73 27.93
C LEU C 43 24.96 -13.62 27.31
N ARG C 44 24.73 -12.34 27.60
CA ARG C 44 25.48 -11.24 26.96
C ARG C 44 26.93 -11.35 27.41
N THR C 45 27.87 -11.20 26.47
CA THR C 45 29.33 -11.36 26.65
C THR C 45 29.96 -9.98 26.82
N PRO C 46 31.06 -9.86 27.60
CA PRO C 46 31.77 -8.58 27.73
C PRO C 46 31.99 -7.79 26.43
N GLU C 47 32.34 -8.44 25.31
CA GLU C 47 32.56 -7.74 24.02
C GLU C 47 31.22 -7.17 23.54
N GLN C 48 30.11 -7.92 23.72
CA GLN C 48 28.75 -7.49 23.30
C GLN C 48 28.38 -6.20 24.05
N VAL C 49 28.58 -6.18 25.37
CA VAL C 49 28.25 -5.01 26.23
C VAL C 49 29.02 -3.78 25.75
N ARG C 50 30.33 -3.89 25.56
CA ARG C 50 31.20 -2.76 25.14
C ARG C 50 30.81 -2.25 23.74
N ARG C 51 30.39 -3.14 22.82
CA ARG C 51 29.89 -2.78 21.46
C ARG C 51 28.62 -1.93 21.61
N VAL C 52 27.61 -2.44 22.32
CA VAL C 52 26.28 -1.79 22.41
C VAL C 52 26.46 -0.43 23.10
N ARG C 53 27.56 -0.22 23.84
CA ARG C 53 27.86 1.04 24.54
C ARG C 53 28.84 1.88 23.68
N ALA C 54 28.59 1.99 22.38
CA ALA C 54 29.47 2.68 21.40
C ALA C 54 29.17 4.18 21.35
N HIS C 55 27.93 4.61 21.65
CA HIS C 55 27.43 6.03 21.73
C HIS C 55 26.59 6.40 20.49
N ASP C 56 25.47 7.11 20.68
CA ASP C 56 24.50 7.48 19.61
C ASP C 56 24.96 8.76 18.90
N HIS C 57 24.18 9.21 17.91
CA HIS C 57 24.41 10.45 17.12
C HIS C 57 23.14 10.80 16.34
N PRO C 58 21.97 11.00 17.00
CA PRO C 58 20.69 11.20 16.31
C PRO C 58 20.50 12.29 15.25
N ASP C 60 22.49 12.90 11.92
CA ASP C 60 22.59 12.16 10.63
C ASP C 60 22.66 10.66 10.91
N ASN C 61 21.79 10.14 11.79
CA ASN C 61 21.80 8.76 12.32
C ASN C 61 21.61 7.74 11.19
N VAL C 62 21.21 8.22 9.98
CA VAL C 62 20.79 7.43 8.77
C VAL C 62 22.01 6.86 8.02
N PHE C 63 23.16 7.56 8.08
CA PHE C 63 24.42 7.25 7.34
C PHE C 63 25.23 6.16 8.06
N PRO C 64 25.38 6.20 9.40
CA PRO C 64 25.89 5.05 10.16
C PRO C 64 24.88 3.89 10.27
N PHE C 65 23.61 4.15 9.98
CA PHE C 65 22.59 3.08 9.88
C PHE C 65 22.94 2.22 8.68
N ALA C 66 22.89 2.81 7.48
CA ALA C 66 23.48 2.25 6.24
C ALA C 66 24.92 2.78 6.12
N GLY C 67 25.36 3.24 4.96
CA GLY C 67 26.77 3.65 4.77
C GLY C 67 27.64 2.44 4.45
N ASP C 68 27.72 1.46 5.35
CA ASP C 68 28.48 0.21 5.11
C ASP C 68 27.63 -0.78 4.28
N LEU C 69 26.30 -0.65 4.27
CA LEU C 69 25.38 -1.51 3.47
C LEU C 69 25.23 -0.93 2.07
N LEU C 70 25.19 0.41 1.97
CA LEU C 70 25.38 1.14 0.70
C LEU C 70 26.89 1.36 0.54
N GLY C 71 27.29 2.24 -0.39
CA GLY C 71 28.70 2.54 -0.74
C GLY C 71 29.29 3.66 0.10
N ALA C 72 30.59 3.91 -0.08
CA ALA C 72 31.25 5.18 0.28
C ALA C 72 30.66 6.29 -0.60
N SER C 73 29.92 5.90 -1.66
CA SER C 73 28.96 6.73 -2.45
C SER C 73 27.94 7.41 -1.51
N PHE C 74 27.50 6.69 -0.48
CA PHE C 74 26.52 7.16 0.54
C PHE C 74 27.24 8.16 1.46
N ASP C 75 27.37 9.42 1.00
CA ASP C 75 28.10 10.50 1.71
C ASP C 75 27.10 11.54 2.21
N LYS C 76 26.93 11.58 3.53
CA LYS C 76 26.27 12.65 4.30
C LYS C 76 26.52 13.99 3.63
N GLU C 77 27.78 14.26 3.27
CA GLU C 77 28.27 15.50 2.61
C GLU C 77 27.52 15.66 1.26
N ARG C 78 27.68 14.68 0.36
CA ARG C 78 27.32 14.80 -1.08
C ARG C 78 25.80 14.74 -1.31
N LEU C 79 24.99 14.33 -0.32
CA LEU C 79 23.55 14.02 -0.52
C LEU C 79 22.69 14.97 0.30
N PRO C 80 22.48 16.22 -0.15
CA PRO C 80 21.74 17.20 0.65
C PRO C 80 20.27 16.82 0.89
N LEU C 81 19.52 16.54 -0.19
CA LEU C 81 18.05 16.25 -0.21
C LEU C 81 17.73 15.05 0.70
N THR C 82 18.48 13.95 0.53
CA THR C 82 18.46 12.73 1.38
C THR C 82 18.63 13.16 2.84
N ARG C 83 19.73 13.83 3.13
CA ARG C 83 20.15 14.25 4.50
C ARG C 83 19.03 15.06 5.16
N SER C 84 18.51 16.07 4.45
CA SER C 84 17.38 16.95 4.87
C SER C 84 16.19 16.09 5.31
N PHE C 85 15.68 15.25 4.39
CA PHE C 85 14.51 14.35 4.57
C PHE C 85 14.64 13.58 5.89
N PHE C 86 15.63 12.72 6.00
CA PHE C 86 15.80 11.82 7.16
C PHE C 86 15.85 12.64 8.45
N ASN C 87 16.27 13.91 8.36
CA ASN C 87 16.57 14.75 9.54
C ASN C 87 15.33 15.53 9.95
N ARG C 88 14.43 15.75 9.00
CA ARG C 88 13.07 16.33 9.22
C ARG C 88 12.14 15.22 9.72
N ALA C 89 12.05 14.12 8.96
CA ALA C 89 11.16 12.96 9.21
C ALA C 89 11.39 12.39 10.61
N GLN C 90 12.65 12.44 11.09
CA GLN C 90 13.10 12.04 12.46
C GLN C 90 12.37 12.88 13.51
N GLU C 91 12.22 14.20 13.26
CA GLU C 91 11.40 15.12 14.09
C GLU C 91 9.90 14.75 13.98
N ASN C 92 9.41 14.42 12.78
CA ASN C 92 8.00 13.96 12.57
C ASN C 92 7.73 12.71 13.40
N LEU C 93 8.79 11.92 13.65
CA LEU C 93 8.82 10.65 14.44
C LEU C 93 8.81 10.95 15.95
N VAL C 94 9.66 11.86 16.40
CA VAL C 94 9.74 12.21 17.85
C VAL C 94 8.39 12.79 18.30
N GLU C 95 7.69 13.49 17.39
CA GLU C 95 6.42 14.21 17.65
C GLU C 95 5.33 13.22 18.04
N VAL C 96 5.31 12.05 17.39
CA VAL C 96 4.26 11.00 17.60
C VAL C 96 4.79 9.93 18.56
N LEU C 97 6.10 9.90 18.86
CA LEU C 97 6.70 8.89 19.78
C LEU C 97 6.49 9.30 21.23
N MET C 98 6.90 10.52 21.61
CA MET C 98 6.87 11.00 23.02
C MET C 98 5.47 10.83 23.63
N PRO C 99 4.37 11.26 22.96
CA PRO C 99 3.01 11.11 23.50
C PRO C 99 2.62 9.67 23.78
N ALA C 100 2.81 8.82 22.76
CA ALA C 100 2.67 7.34 22.81
C ALA C 100 3.40 6.78 24.03
N LYS C 101 4.67 7.15 24.20
CA LYS C 101 5.56 6.62 25.27
C LYS C 101 4.94 6.90 26.63
N LYS C 102 4.47 8.15 26.79
CA LYS C 102 3.89 8.78 28.02
C LYS C 102 2.53 8.12 28.29
N HIS C 103 1.62 8.15 27.31
CA HIS C 103 0.28 7.53 27.40
C HIS C 103 0.38 6.08 27.91
N PHE C 104 1.35 5.28 27.48
CA PHE C 104 1.41 3.82 27.80
C PHE C 104 2.11 3.61 29.16
N ALA C 105 2.98 4.52 29.54
CA ALA C 105 3.55 4.66 30.91
C ALA C 105 4.18 3.34 31.35
N ARG C 106 4.83 2.59 30.46
CA ARG C 106 5.21 1.22 30.85
C ARG C 106 6.49 1.22 31.68
N PRO C 107 6.49 0.58 32.87
CA PRO C 107 7.72 0.32 33.61
C PRO C 107 8.76 -0.36 32.71
N ARG C 108 10.03 0.00 32.93
CA ARG C 108 11.22 -0.64 32.32
C ARG C 108 11.47 -1.98 33.00
N PRO C 109 12.23 -2.89 32.35
CA PRO C 109 12.57 -4.18 32.97
C PRO C 109 13.21 -4.04 34.35
N TYR C 110 14.15 -3.09 34.52
CA TYR C 110 14.89 -2.84 35.80
C TYR C 110 13.95 -2.24 36.88
N GLU C 111 12.95 -1.45 36.46
CA GLU C 111 11.87 -0.91 37.34
C GLU C 111 10.84 -2.01 37.61
N VAL C 112 11.09 -3.22 37.09
CA VAL C 112 10.19 -4.39 37.31
C VAL C 112 10.89 -5.36 38.25
N THR C 113 12.21 -5.45 38.20
CA THR C 113 13.00 -6.21 39.19
C THR C 113 14.44 -5.72 39.13
N PRO C 114 15.04 -5.29 40.26
CA PRO C 114 16.43 -4.86 40.24
C PRO C 114 17.40 -5.99 39.84
N LYS C 115 16.89 -7.16 39.46
CA LYS C 115 17.69 -8.29 38.92
C LYS C 115 18.19 -7.93 37.52
N VAL C 116 17.41 -7.18 36.74
CA VAL C 116 17.82 -6.58 35.44
C VAL C 116 18.86 -5.48 35.73
N LYS C 117 20.09 -5.64 35.23
CA LYS C 117 21.21 -4.67 35.34
C LYS C 117 21.41 -4.00 33.98
N PRO C 118 20.68 -2.91 33.65
CA PRO C 118 20.89 -2.23 32.36
C PRO C 118 22.34 -1.78 32.15
N VAL C 119 22.86 -1.84 30.90
CA VAL C 119 24.24 -1.37 30.56
C VAL C 119 24.18 -0.14 29.66
N LEU C 120 22.99 0.29 29.22
CA LEU C 120 22.83 1.65 28.63
C LEU C 120 22.23 2.54 29.69
N PRO C 121 22.59 3.85 29.74
CA PRO C 121 22.02 4.76 30.72
C PRO C 121 20.50 4.61 30.77
N PRO C 122 19.95 4.20 31.95
CA PRO C 122 18.58 3.69 32.06
C PRO C 122 17.52 4.76 32.29
N PRO C 123 16.70 5.11 31.28
CA PRO C 123 15.66 6.15 31.47
C PRO C 123 14.59 5.66 32.47
N GLU C 124 13.68 6.54 32.90
CA GLU C 124 12.64 6.22 33.91
C GLU C 124 11.30 5.96 33.20
N GLY C 125 10.88 4.70 33.14
CA GLY C 125 9.59 4.29 32.56
C GLY C 125 9.42 4.80 31.14
N GLU C 126 8.17 4.77 30.62
CA GLU C 126 7.88 5.03 29.18
C GLU C 126 8.72 4.04 28.34
N SER C 127 8.60 2.76 28.68
CA SER C 127 9.37 1.63 28.09
C SER C 127 8.69 1.14 26.81
N TYR C 128 7.40 1.40 26.65
CA TYR C 128 6.62 0.97 25.47
C TYR C 128 6.03 2.20 24.81
N PRO C 129 6.16 2.31 23.46
CA PRO C 129 6.95 1.37 22.66
C PRO C 129 8.42 1.78 22.68
N SER C 130 9.27 1.16 21.85
CA SER C 130 10.74 1.42 21.74
C SER C 130 11.07 2.40 20.61
N GLY C 131 11.40 3.66 20.96
CA GLY C 131 11.86 4.70 20.03
C GLY C 131 12.93 4.16 19.08
N HIS C 132 13.98 3.54 19.62
CA HIS C 132 15.20 3.13 18.86
C HIS C 132 14.73 2.18 17.76
N THR C 133 14.10 1.09 18.18
CA THR C 133 13.43 0.13 17.28
C THR C 133 12.63 0.91 16.24
N MET C 134 11.64 1.67 16.71
CA MET C 134 10.81 2.52 15.82
C MET C 134 11.72 3.28 14.86
N ARG C 135 12.78 3.96 15.36
CA ARG C 135 13.68 4.79 14.49
C ARG C 135 14.30 3.88 13.41
N SER C 136 14.71 2.67 13.79
CA SER C 136 15.43 1.73 12.90
C SER C 136 14.52 1.26 11.75
N TYR C 137 13.44 0.52 12.07
CA TYR C 137 12.41 0.04 11.10
C TYR C 137 11.86 1.21 10.27
N PHE C 138 11.79 2.40 10.87
CA PHE C 138 11.43 3.65 10.17
C PHE C 138 12.43 3.87 9.03
N LYS C 139 13.72 3.90 9.34
CA LYS C 139 14.80 4.21 8.35
C LYS C 139 14.81 3.13 7.26
N ALA C 140 15.03 1.88 7.66
CA ALA C 140 14.99 0.71 6.73
C ALA C 140 13.81 0.86 5.79
N SER C 141 12.60 0.98 6.31
CA SER C 141 11.36 1.10 5.51
C SER C 141 11.55 2.12 4.39
N LEU C 142 12.01 3.33 4.75
CA LEU C 142 12.12 4.51 3.83
C LEU C 142 13.22 4.25 2.79
N LEU C 143 14.37 3.73 3.23
CA LEU C 143 15.49 3.35 2.33
C LEU C 143 15.00 2.30 1.33
N SER C 144 14.55 1.14 1.82
CA SER C 144 14.03 0.02 1.01
C SER C 144 13.11 0.52 -0.11
N MET C 145 12.37 1.61 0.10
CA MET C 145 11.49 2.17 -0.96
C MET C 145 12.38 2.84 -2.00
N LEU C 146 13.38 3.58 -1.54
CA LEU C 146 14.35 4.32 -2.40
C LEU C 146 15.21 3.29 -3.12
N VAL C 147 15.71 2.29 -2.38
CA VAL C 147 16.72 1.30 -2.83
C VAL C 147 16.20 -0.13 -2.58
N PRO C 148 15.10 -0.56 -3.24
CA PRO C 148 14.57 -1.91 -3.10
C PRO C 148 15.62 -3.03 -3.16
N GLU C 149 16.57 -2.91 -4.08
CA GLU C 149 17.78 -3.76 -4.19
C GLU C 149 18.21 -4.27 -2.81
N HIS C 150 18.34 -3.40 -1.82
CA HIS C 150 19.00 -3.73 -0.53
C HIS C 150 17.99 -3.88 0.62
N HIS C 151 16.70 -4.03 0.31
CA HIS C 151 15.61 -4.29 1.28
C HIS C 151 16.14 -5.21 2.39
N ASP C 152 16.25 -6.50 2.11
CA ASP C 152 16.59 -7.55 3.11
C ASP C 152 17.75 -7.08 4.02
N ALA C 153 18.74 -6.38 3.45
CA ALA C 153 19.96 -5.87 4.11
C ALA C 153 19.60 -4.86 5.20
N PHE C 154 18.90 -3.79 4.80
CA PHE C 154 18.40 -2.70 5.69
C PHE C 154 17.64 -3.28 6.89
N PHE C 155 16.71 -4.21 6.65
CA PHE C 155 15.75 -4.71 7.68
C PHE C 155 16.47 -5.67 8.65
N ALA C 156 17.42 -6.47 8.15
CA ALA C 156 18.32 -7.31 8.98
C ALA C 156 19.16 -6.40 9.88
N ARG C 157 19.47 -5.19 9.39
CA ARG C 157 20.14 -4.10 10.15
C ARG C 157 19.18 -3.63 11.24
N ALA C 158 17.96 -3.25 10.88
CA ALA C 158 17.03 -2.63 11.84
C ALA C 158 16.85 -3.60 12.99
N GLU C 159 16.74 -4.90 12.67
CA GLU C 159 16.62 -6.02 13.64
C GLU C 159 17.81 -6.01 14.61
N GLU C 160 19.06 -5.85 14.14
CA GLU C 160 20.29 -5.79 14.99
C GLU C 160 20.14 -4.68 16.04
N HIS C 161 19.81 -3.47 15.57
CA HIS C 161 19.57 -2.23 16.37
C HIS C 161 18.47 -2.50 17.42
N ALA C 162 17.30 -2.94 16.96
CA ALA C 162 16.16 -3.31 17.84
C ALA C 162 16.60 -4.34 18.90
N GLN C 163 17.33 -5.38 18.50
CA GLN C 163 17.68 -6.51 19.40
C GLN C 163 18.67 -6.07 20.47
N SER C 164 19.52 -5.09 20.17
CA SER C 164 20.61 -4.66 21.08
C SER C 164 20.01 -4.19 22.40
N ARG C 165 18.83 -3.56 22.31
CA ARG C 165 18.08 -2.94 23.43
C ARG C 165 17.74 -4.02 24.47
N VAL C 166 17.15 -5.13 24.03
CA VAL C 166 16.79 -6.27 24.93
C VAL C 166 18.05 -6.78 25.66
N LEU C 167 19.17 -6.88 24.92
CA LEU C 167 20.48 -7.35 25.43
C LEU C 167 21.03 -6.36 26.47
N ALA C 168 21.05 -5.08 26.12
CA ALA C 168 21.38 -3.96 27.03
C ALA C 168 20.48 -3.96 28.27
N GLY C 169 19.28 -4.52 28.18
CA GLY C 169 18.37 -4.70 29.33
C GLY C 169 17.50 -3.47 29.54
N VAL C 170 17.36 -2.59 28.55
CA VAL C 170 16.58 -1.33 28.68
C VAL C 170 15.20 -1.52 28.02
N HIS C 171 14.95 -2.69 27.40
CA HIS C 171 13.64 -2.99 26.77
C HIS C 171 13.28 -4.46 26.85
N PHE C 172 11.98 -4.71 27.00
CA PHE C 172 11.34 -6.03 26.80
C PHE C 172 11.11 -6.27 25.31
N PRO C 173 11.13 -7.54 24.82
CA PRO C 173 10.78 -7.88 23.44
C PRO C 173 9.53 -7.19 22.85
N SER C 174 8.45 -7.07 23.62
CA SER C 174 7.17 -6.47 23.16
C SER C 174 7.33 -4.97 22.91
N ASP C 175 8.39 -4.37 23.49
CA ASP C 175 8.70 -2.93 23.31
C ASP C 175 9.08 -2.71 21.85
N LEU C 176 9.83 -3.66 21.30
CA LEU C 176 10.25 -3.69 19.87
C LEU C 176 9.00 -3.85 18.98
N GLU C 177 8.19 -4.85 19.30
CA GLU C 177 6.90 -5.16 18.62
C GLU C 177 6.16 -3.83 18.42
N GLY C 178 6.10 -3.00 19.46
CA GLY C 178 5.51 -1.65 19.40
C GLY C 178 6.21 -0.79 18.36
N GLY C 179 7.47 -0.48 18.61
CA GLY C 179 8.26 0.36 17.70
C GLY C 179 8.09 -0.09 16.25
N GLN C 180 8.13 -1.40 16.04
CA GLN C 180 8.07 -2.03 14.69
C GLN C 180 6.77 -1.61 14.00
N THR C 181 5.66 -1.77 14.72
CA THR C 181 4.28 -1.56 14.19
C THR C 181 4.06 -0.05 13.94
N ALA C 182 4.72 0.78 14.74
CA ALA C 182 4.56 2.26 14.78
C ALA C 182 5.29 2.87 13.59
N ALA C 183 6.53 2.44 13.38
CA ALA C 183 7.36 2.81 12.21
C ALA C 183 6.46 2.82 10.99
N ALA C 184 5.70 1.73 10.79
CA ALA C 184 4.81 1.52 9.64
C ALA C 184 3.82 2.68 9.57
N ALA C 185 2.99 2.80 10.60
CA ALA C 185 1.95 3.84 10.72
C ALA C 185 2.50 5.19 10.26
N LEU C 186 3.67 5.57 10.75
CA LEU C 186 4.22 6.93 10.49
C LEU C 186 4.64 7.05 9.02
N VAL C 187 5.50 6.13 8.58
CA VAL C 187 5.93 6.05 7.16
C VAL C 187 4.70 6.24 6.28
N ALA C 188 3.65 5.46 6.52
CA ALA C 188 2.43 5.40 5.67
C ALA C 188 1.80 6.78 5.61
N SER C 189 1.57 7.31 6.83
CA SER C 189 0.85 8.57 7.11
C SER C 189 1.67 9.72 6.55
N LEU C 190 2.99 9.54 6.54
CA LEU C 190 4.00 10.56 6.15
C LEU C 190 4.00 10.70 4.61
N LEU C 191 4.09 9.59 3.87
CA LEU C 191 4.26 9.61 2.39
C LEU C 191 2.90 9.84 1.72
N ALA C 192 1.82 9.75 2.48
CA ALA C 192 0.46 10.12 2.04
C ALA C 192 0.41 11.62 1.67
N ASP C 193 1.16 12.46 2.39
CA ASP C 193 1.28 13.93 2.13
C ASP C 193 2.03 14.11 0.82
N PRO C 194 1.41 14.76 -0.19
CA PRO C 194 2.03 14.88 -1.50
C PRO C 194 3.25 15.82 -1.52
N ALA C 195 3.33 16.82 -0.62
CA ALA C 195 4.55 17.65 -0.46
C ALA C 195 5.70 16.76 -0.05
N VAL C 196 5.45 15.82 0.86
CA VAL C 196 6.48 14.87 1.38
C VAL C 196 6.74 13.80 0.32
N ALA C 197 5.69 13.37 -0.37
CA ALA C 197 5.75 12.38 -1.48
C ALA C 197 6.73 12.87 -2.55
N ALA C 198 6.68 14.18 -2.82
CA ALA C 198 7.50 14.93 -3.80
C ALA C 198 8.97 14.96 -3.36
N ASP C 199 9.24 15.59 -2.21
CA ASP C 199 10.61 15.64 -1.63
C ASP C 199 11.20 14.21 -1.67
N PHE C 200 10.39 13.22 -1.31
CA PHE C 200 10.80 11.80 -1.29
C PHE C 200 11.20 11.36 -2.72
N ALA C 201 10.54 11.88 -3.76
CA ALA C 201 10.88 11.59 -5.18
C ALA C 201 12.28 12.11 -5.49
N ALA C 202 12.44 13.44 -5.46
CA ALA C 202 13.73 14.15 -5.58
C ALA C 202 14.84 13.36 -4.88
N VAL C 203 14.56 12.82 -3.69
CA VAL C 203 15.53 12.01 -2.92
C VAL C 203 15.81 10.71 -3.65
N ARG C 204 14.81 10.02 -4.21
CA ARG C 204 15.07 8.74 -4.91
C ARG C 204 16.11 9.00 -6.02
N GLU C 205 15.94 10.09 -6.78
CA GLU C 205 16.86 10.51 -7.88
C GLU C 205 18.27 10.69 -7.32
N GLU C 206 18.46 11.65 -6.42
CA GLU C 206 19.78 11.96 -5.79
C GLU C 206 20.44 10.62 -5.43
N LEU C 207 19.82 9.87 -4.52
CA LEU C 207 20.41 8.70 -3.81
C LEU C 207 20.75 7.59 -4.81
N ARG C 208 19.83 7.29 -5.73
CA ARG C 208 20.01 6.23 -6.76
C ARG C 208 21.08 6.70 -7.76
N GLY C 209 20.93 7.95 -8.24
CA GLY C 209 21.97 8.71 -8.94
C GLY C 209 23.33 8.44 -8.33
N ALA C 210 23.68 9.16 -7.26
CA ALA C 210 24.88 8.92 -6.41
C ALA C 210 25.35 7.45 -6.44
N LEU C 211 24.42 6.49 -6.41
CA LEU C 211 24.75 5.05 -6.26
C LEU C 211 24.90 4.33 -7.61
N GLY C 212 24.54 4.99 -8.72
CA GLY C 212 24.69 4.45 -10.07
C GLY C 212 23.74 3.30 -10.33
N LEU C 213 22.44 3.52 -10.08
CA LEU C 213 21.34 2.53 -10.22
C LEU C 213 20.39 3.03 -11.32
N PRO C 214 19.56 2.12 -11.91
CA PRO C 214 18.63 2.51 -13.00
C PRO C 214 17.36 3.29 -12.61
N LYS C 215 16.22 3.07 -13.30
CA LYS C 215 14.84 3.41 -12.86
C LYS C 215 14.90 4.63 -11.93
#